data_2BBA
#
_entry.id   2BBA
#
_cell.length_a   60.972
_cell.length_b   60.972
_cell.length_c   151.681
_cell.angle_alpha   90.00
_cell.angle_beta   90.00
_cell.angle_gamma   90.00
#
_symmetry.space_group_name_H-M   'P 41 21 2'
#
loop_
_entity.id
_entity.type
_entity.pdbx_description
1 polymer 'Ephrin type-B receptor 4'
2 polymer 'Agonist peptide'
3 non-polymer 'SULFATE ION'
4 water water
#
loop_
_entity_poly.entity_id
_entity_poly.type
_entity_poly.pdbx_seq_one_letter_code
_entity_poly.pdbx_strand_id
1 'polypeptide(L)'
;HHHHHEETLLNTKLETADLKWVTFPQVDGQWEELSGLDEEQHSVRTYEVCDVQRAPGQAHWLRTGWVPRRGAVHVYATLR
FTMLECLSLPRAGRSCKETFTVFYYESDADTATALTPAWMENPYIKVDTVAAEHLTRKRPGAEATGKVNVKTLRLGPLSK
AGFYLAFQDQGACMALLSLHLFYKK
;
A
2 'polypeptide(L)' TNYLFSPNGPIARAW P
#
loop_
_chem_comp.id
_chem_comp.type
_chem_comp.name
_chem_comp.formula
SO4 non-polymer 'SULFATE ION' 'O4 S -2'
#
# COMPACT_ATOMS: atom_id res chain seq x y z
N HIS A 1 10.77 17.83 21.37
CA HIS A 1 10.72 19.07 20.58
C HIS A 1 11.23 20.11 21.53
N HIS A 2 11.92 19.75 22.63
CA HIS A 2 12.95 20.64 23.09
C HIS A 2 13.93 20.76 21.90
N HIS A 3 14.07 19.75 21.01
CA HIS A 3 14.55 20.03 19.64
C HIS A 3 13.51 19.62 18.64
N HIS A 4 13.10 20.56 17.80
CA HIS A 4 12.00 20.35 16.84
C HIS A 4 12.45 19.49 15.67
N HIS A 5 11.70 18.41 15.40
CA HIS A 5 12.06 17.51 14.34
C HIS A 5 10.90 16.63 13.92
N GLU A 6 11.04 15.92 12.80
CA GLU A 6 10.05 14.88 12.44
C GLU A 6 10.58 13.57 13.03
N GLU A 7 9.64 12.77 13.52
CA GLU A 7 9.93 11.51 14.24
C GLU A 7 9.18 10.37 13.51
N THR A 8 9.93 9.34 13.16
CA THR A 8 9.38 8.18 12.46
C THR A 8 8.60 7.24 13.40
N LEU A 9 7.41 6.81 12.92
CA LEU A 9 6.63 5.76 13.58
C LEU A 9 6.75 4.40 12.82
N LEU A 10 6.96 4.44 11.52
CA LEU A 10 7.08 3.26 10.71
C LEU A 10 7.75 3.63 9.41
N ASN A 11 8.74 2.85 8.97
CA ASN A 11 9.33 3.02 7.65
C ASN A 11 9.60 1.64 7.05
N THR A 12 8.75 1.26 6.11
CA THR A 12 8.85 -0.09 5.56
C THR A 12 10.24 -0.41 4.93
N LYS A 13 10.92 0.61 4.40
CA LYS A 13 12.23 0.42 3.74
C LYS A 13 13.31 -0.04 4.74
N LEU A 14 13.03 0.12 6.04
CA LEU A 14 13.97 -0.29 7.07
C LEU A 14 13.68 -1.70 7.64
N GLU A 15 12.60 -2.33 7.23
CA GLU A 15 12.31 -3.68 7.63
C GLU A 15 13.33 -4.64 7.03
N THR A 16 13.97 -5.43 7.87
CA THR A 16 15.04 -6.31 7.40
C THR A 16 14.58 -7.76 7.19
N ALA A 17 13.41 -8.11 7.70
CA ALA A 17 12.89 -9.45 7.54
C ALA A 17 11.61 -9.18 6.79
N ASP A 18 10.52 -9.86 7.12
CA ASP A 18 9.28 -9.67 6.38
C ASP A 18 8.28 -8.83 7.18
N LEU A 19 7.45 -8.07 6.46
CA LEU A 19 6.51 -7.18 7.11
C LEU A 19 5.35 -7.83 7.88
N LYS A 20 4.92 -8.96 7.42
CA LYS A 20 3.82 -9.68 8.11
C LYS A 20 2.48 -8.95 8.14
N TRP A 21 2.22 -8.10 7.14
CA TRP A 21 0.98 -7.38 7.16
C TRP A 21 -0.14 -8.39 6.89
N VAL A 22 -1.32 -8.09 7.37
CA VAL A 22 -2.45 -9.03 7.31
C VAL A 22 -3.29 -8.66 6.09
N THR A 23 -3.70 -9.69 5.35
CA THR A 23 -4.55 -9.49 4.17
C THR A 23 -5.90 -10.19 4.37
N PHE A 24 -6.88 -9.75 3.57
CA PHE A 24 -8.24 -10.31 3.58
C PHE A 24 -8.89 -10.04 2.23
N PRO A 25 -9.70 -10.97 1.72
CA PRO A 25 -10.09 -12.29 2.24
C PRO A 25 -9.17 -13.47 1.89
N GLN A 26 -7.98 -13.18 1.35
CA GLN A 26 -7.01 -14.26 1.03
C GLN A 26 -7.53 -15.25 0.00
N VAL A 27 -8.09 -14.71 -1.06
CA VAL A 27 -8.57 -15.51 -2.19
C VAL A 27 -7.59 -15.36 -3.36
N ASP A 28 -7.88 -16.07 -4.46
CA ASP A 28 -7.09 -15.89 -5.67
C ASP A 28 -7.00 -14.41 -6.00
N GLY A 29 -5.79 -13.95 -6.35
CA GLY A 29 -5.57 -12.57 -6.70
C GLY A 29 -5.13 -11.70 -5.54
N GLN A 30 -5.01 -12.29 -4.35
CA GLN A 30 -4.65 -11.59 -3.14
C GLN A 30 -3.36 -10.77 -3.25
N TRP A 31 -3.26 -9.73 -2.42
CA TRP A 31 -2.00 -9.01 -2.23
C TRP A 31 -0.84 -10.00 -1.89
N GLU A 32 0.32 -9.75 -2.48
CA GLU A 32 1.53 -10.57 -2.27
C GLU A 32 2.67 -9.71 -1.82
N GLU A 33 3.44 -10.20 -0.86
CA GLU A 33 4.69 -9.50 -0.45
C GLU A 33 5.85 -9.95 -1.32
N LEU A 34 6.59 -8.98 -1.87
CA LEU A 34 7.71 -9.22 -2.79
C LEU A 34 8.92 -8.39 -2.42
N SER A 35 10.11 -8.94 -2.62
N SER A 35 10.11 -8.96 -2.62
CA SER A 35 11.32 -8.12 -2.41
CA SER A 35 11.37 -8.21 -2.51
C SER A 35 11.59 -7.22 -3.62
C SER A 35 11.49 -7.20 -3.66
N GLY A 36 11.67 -5.92 -3.36
CA GLY A 36 12.01 -4.89 -4.37
C GLY A 36 13.33 -4.23 -4.05
N LEU A 37 13.63 -3.19 -4.81
CA LEU A 37 14.87 -2.41 -4.66
C LEU A 37 14.61 -0.95 -4.44
N ASP A 38 15.32 -0.34 -3.48
CA ASP A 38 15.16 1.09 -3.24
C ASP A 38 16.18 1.90 -4.07
N GLU A 39 16.28 3.21 -3.80
CA GLU A 39 17.22 4.12 -4.53
C GLU A 39 18.70 3.85 -4.35
N GLU A 40 19.05 3.08 -3.34
CA GLU A 40 20.43 2.69 -3.07
C GLU A 40 20.68 1.27 -3.53
N GLN A 41 19.71 0.71 -4.25
CA GLN A 41 19.79 -0.67 -4.74
C GLN A 41 19.78 -1.69 -3.61
N HIS A 42 19.20 -1.33 -2.47
CA HIS A 42 19.09 -2.25 -1.37
C HIS A 42 17.73 -2.94 -1.46
N SER A 43 17.68 -4.19 -0.99
CA SER A 43 16.42 -4.96 -0.98
CA SER A 43 16.43 -4.95 -0.98
C SER A 43 15.46 -4.39 0.05
N VAL A 44 14.19 -4.20 -0.35
CA VAL A 44 13.12 -3.71 0.55
C VAL A 44 11.85 -4.55 0.35
N ARG A 45 11.01 -4.64 1.38
CA ARG A 45 9.76 -5.37 1.30
C ARG A 45 8.70 -4.44 0.67
N THR A 46 7.95 -5.03 -0.25
CA THR A 46 6.87 -4.32 -0.99
C THR A 46 5.64 -5.22 -1.06
N TYR A 47 4.51 -4.63 -1.44
CA TYR A 47 3.28 -5.42 -1.67
C TYR A 47 2.72 -5.11 -3.05
N GLU A 48 2.28 -6.14 -3.76
CA GLU A 48 1.67 -5.99 -5.10
C GLU A 48 0.33 -6.70 -5.16
N VAL A 49 -0.54 -6.17 -6.01
CA VAL A 49 -1.83 -6.78 -6.34
C VAL A 49 -2.17 -6.42 -7.80
N CYS A 50 -2.69 -7.39 -8.54
CA CYS A 50 -3.02 -7.13 -9.94
C CYS A 50 -4.13 -8.09 -10.45
N ASP A 51 -5.28 -8.04 -9.80
CA ASP A 51 -6.45 -8.87 -10.11
C ASP A 51 -7.37 -8.05 -10.98
N VAL A 52 -7.13 -8.12 -12.29
CA VAL A 52 -7.86 -7.31 -13.27
C VAL A 52 -8.58 -8.16 -14.31
N GLN A 53 -8.15 -9.41 -14.43
CA GLN A 53 -8.71 -10.30 -15.44
C GLN A 53 -9.70 -11.26 -14.80
N ARG A 54 -9.29 -11.92 -13.73
CA ARG A 54 -10.11 -12.90 -13.06
C ARG A 54 -11.30 -12.26 -12.34
N ALA A 55 -11.03 -11.34 -11.41
CA ALA A 55 -12.11 -10.73 -10.64
C ALA A 55 -11.83 -9.26 -10.33
N PRO A 56 -12.01 -8.38 -11.33
CA PRO A 56 -11.77 -6.98 -11.05
C PRO A 56 -12.74 -6.34 -10.06
N GLY A 57 -13.88 -7.00 -9.75
CA GLY A 57 -14.75 -6.48 -8.74
C GLY A 57 -14.49 -7.08 -7.37
N GLN A 58 -13.51 -7.96 -7.22
CA GLN A 58 -13.15 -8.49 -5.88
C GLN A 58 -12.28 -7.50 -5.12
N ALA A 59 -12.69 -7.10 -3.93
CA ALA A 59 -11.83 -6.28 -3.07
C ALA A 59 -10.76 -7.14 -2.42
N HIS A 60 -9.56 -6.55 -2.33
CA HIS A 60 -8.41 -7.14 -1.67
C HIS A 60 -7.87 -6.12 -0.69
N TRP A 61 -7.81 -6.51 0.58
CA TRP A 61 -7.39 -5.65 1.69
C TRP A 61 -6.04 -6.01 2.27
N LEU A 62 -5.34 -4.97 2.73
CA LEU A 62 -3.97 -5.06 3.28
C LEU A 62 -3.90 -4.15 4.50
N ARG A 63 -3.50 -4.67 5.63
CA ARG A 63 -3.44 -3.93 6.89
C ARG A 63 -2.06 -3.95 7.53
N THR A 64 -1.61 -2.79 8.00
CA THR A 64 -0.33 -2.70 8.70
C THR A 64 -0.41 -3.32 10.09
N GLY A 65 0.73 -3.47 10.75
CA GLY A 65 0.73 -3.71 12.16
C GLY A 65 0.19 -2.54 12.94
N TRP A 66 -0.01 -2.75 14.25
CA TRP A 66 -0.48 -1.69 15.13
C TRP A 66 0.67 -0.71 15.41
N VAL A 67 0.40 0.59 15.18
CA VAL A 67 1.41 1.65 15.34
C VAL A 67 1.08 2.51 16.56
N PRO A 68 1.84 2.39 17.64
CA PRO A 68 1.65 3.27 18.78
C PRO A 68 1.92 4.71 18.40
N ARG A 69 1.03 5.64 18.74
CA ARG A 69 1.14 7.01 18.23
C ARG A 69 2.04 7.94 19.06
N ARG A 70 2.45 7.52 20.25
CA ARG A 70 3.31 8.36 21.10
C ARG A 70 2.58 9.70 21.32
N GLY A 71 3.23 10.84 21.21
CA GLY A 71 2.47 12.08 21.49
C GLY A 71 1.57 12.56 20.34
N ALA A 72 1.60 11.87 19.20
CA ALA A 72 1.19 12.49 17.93
C ALA A 72 -0.30 12.76 17.88
N VAL A 73 -0.71 13.98 17.51
CA VAL A 73 -2.12 14.29 17.29
C VAL A 73 -2.45 14.14 15.79
N HIS A 74 -1.56 14.53 14.91
CA HIS A 74 -1.67 14.19 13.49
C HIS A 74 -0.45 13.42 13.05
N VAL A 75 -0.66 12.41 12.21
CA VAL A 75 0.40 11.61 11.65
C VAL A 75 0.37 11.75 10.15
N TYR A 76 1.55 11.86 9.54
CA TYR A 76 1.68 11.88 8.12
C TYR A 76 2.05 10.53 7.56
N ALA A 77 1.41 10.16 6.46
CA ALA A 77 1.68 8.89 5.77
C ALA A 77 2.13 9.12 4.36
N THR A 78 3.41 8.89 4.08
CA THR A 78 3.92 9.03 2.71
C THR A 78 3.91 7.64 2.07
N LEU A 79 3.17 7.55 0.95
CA LEU A 79 3.03 6.34 0.16
C LEU A 79 3.73 6.51 -1.19
N ARG A 80 4.57 5.56 -1.58
CA ARG A 80 5.21 5.55 -2.91
C ARG A 80 4.74 4.29 -3.60
N PHE A 81 4.27 4.43 -4.84
CA PHE A 81 3.62 3.34 -5.53
C PHE A 81 3.68 3.46 -7.04
N THR A 82 3.66 2.30 -7.65
CA THR A 82 3.50 2.16 -9.12
C THR A 82 2.07 1.77 -9.39
N MET A 83 1.50 2.34 -10.46
CA MET A 83 0.15 2.02 -10.92
C MET A 83 0.19 1.72 -12.41
N LEU A 84 -0.19 0.50 -12.78
CA LEU A 84 -0.23 0.14 -14.21
C LEU A 84 -1.40 0.78 -14.96
N GLU A 85 -1.09 1.20 -16.18
CA GLU A 85 -2.09 1.61 -17.17
C GLU A 85 -2.99 0.40 -17.53
N CYS A 86 -4.29 0.51 -17.29
CA CYS A 86 -5.23 -0.58 -17.57
C CYS A 86 -5.12 -1.06 -19.01
N LEU A 87 -5.00 -0.12 -19.93
CA LEU A 87 -4.79 -0.48 -21.34
C LEU A 87 -3.54 -1.31 -21.70
N SER A 88 -2.51 -1.28 -20.85
CA SER A 88 -1.36 -2.16 -21.02
C SER A 88 -1.57 -3.59 -20.56
N LEU A 89 -2.68 -3.88 -19.88
CA LEU A 89 -2.85 -5.20 -19.28
C LEU A 89 -3.74 -6.06 -20.16
N PRO A 90 -3.21 -7.16 -20.71
CA PRO A 90 -4.03 -7.91 -21.67
C PRO A 90 -5.26 -8.49 -20.98
N ARG A 91 -6.43 -8.42 -21.60
CA ARG A 91 -7.69 -8.88 -20.94
C ARG A 91 -8.03 -8.33 -19.55
N ALA A 92 -7.37 -7.23 -19.13
CA ALA A 92 -8.09 -6.25 -18.30
C ALA A 92 -9.28 -5.82 -19.15
N GLY A 93 -10.38 -5.45 -18.52
CA GLY A 93 -11.55 -4.97 -19.23
C GLY A 93 -12.01 -3.65 -18.68
N ARG A 94 -13.29 -3.37 -18.92
CA ARG A 94 -13.91 -2.10 -18.58
C ARG A 94 -13.89 -1.79 -17.06
N SER A 95 -13.82 -2.81 -16.21
CA SER A 95 -13.86 -2.72 -14.77
C SER A 95 -12.52 -2.32 -14.10
N CYS A 96 -11.46 -2.35 -14.89
CA CYS A 96 -10.11 -2.07 -14.36
C CYS A 96 -10.06 -0.63 -13.85
N LYS A 97 -9.31 -0.44 -12.75
CA LYS A 97 -9.20 0.86 -12.06
C LYS A 97 -7.73 1.24 -11.96
N GLU A 98 -7.48 2.54 -11.73
CA GLU A 98 -6.12 3.09 -11.56
C GLU A 98 -5.99 3.87 -10.24
N THR A 99 -6.68 3.37 -9.23
CA THR A 99 -6.75 3.99 -7.89
C THR A 99 -6.75 2.89 -6.82
N PHE A 100 -6.51 3.29 -5.58
CA PHE A 100 -6.67 2.42 -4.39
C PHE A 100 -7.14 3.37 -3.27
N THR A 101 -7.75 2.80 -2.23
CA THR A 101 -8.27 3.63 -1.15
C THR A 101 -7.54 3.33 0.17
N VAL A 102 -7.22 4.40 0.86
CA VAL A 102 -6.47 4.35 2.12
C VAL A 102 -7.43 4.71 3.27
N PHE A 103 -7.38 3.87 4.33
CA PHE A 103 -8.18 4.00 5.55
C PHE A 103 -7.29 3.90 6.80
N TYR A 104 -7.80 4.37 7.92
CA TYR A 104 -7.16 4.02 9.21
C TYR A 104 -8.20 3.73 10.27
N TYR A 105 -7.77 3.07 11.35
CA TYR A 105 -8.63 2.83 12.50
C TYR A 105 -7.78 2.89 13.76
N GLU A 106 -8.21 3.66 14.75
CA GLU A 106 -7.47 3.76 15.98
C GLU A 106 -7.96 2.73 17.00
N SER A 107 -7.04 2.12 17.76
CA SER A 107 -7.42 1.17 18.80
C SER A 107 -6.48 1.35 20.01
N ASP A 108 -6.94 1.03 21.20
CA ASP A 108 -6.18 1.30 22.42
C ASP A 108 -5.14 0.20 22.72
N ALA A 109 -5.20 -0.89 21.94
CA ALA A 109 -4.21 -1.98 22.04
C ALA A 109 -4.19 -2.74 20.74
N ASP A 110 -3.22 -3.65 20.61
CA ASP A 110 -3.03 -4.38 19.34
C ASP A 110 -3.91 -5.61 19.39
N THR A 111 -5.18 -5.35 19.13
CA THR A 111 -6.25 -6.33 19.28
C THR A 111 -6.81 -6.88 17.97
N ALA A 112 -6.29 -6.42 16.84
CA ALA A 112 -6.77 -6.90 15.53
C ALA A 112 -6.58 -8.39 15.39
N THR A 113 -7.45 -8.99 14.57
CA THR A 113 -7.45 -10.42 14.24
C THR A 113 -7.55 -10.58 12.72
N ALA A 114 -7.72 -11.82 12.26
CA ALA A 114 -7.85 -12.02 10.80
C ALA A 114 -9.11 -11.35 10.27
N LEU A 115 -10.12 -11.18 11.14
CA LEU A 115 -11.44 -10.69 10.70
C LEU A 115 -11.84 -9.34 11.23
N THR A 116 -11.06 -8.79 12.17
CA THR A 116 -11.42 -7.54 12.82
C THR A 116 -10.19 -6.64 13.00
N PRO A 117 -10.35 -5.31 13.05
CA PRO A 117 -11.58 -4.54 12.79
C PRO A 117 -12.21 -4.91 11.46
N ALA A 118 -13.54 -4.94 11.45
CA ALA A 118 -14.27 -5.36 10.25
C ALA A 118 -13.71 -4.63 9.02
N TRP A 119 -13.54 -5.40 7.96
CA TRP A 119 -12.87 -4.98 6.73
C TRP A 119 -13.80 -4.16 5.83
N MET A 120 -14.05 -2.93 6.27
CA MET A 120 -14.99 -2.08 5.59
C MET A 120 -14.91 -0.69 6.21
N GLU A 121 -15.29 0.31 5.41
CA GLU A 121 -15.54 1.64 5.95
C GLU A 121 -16.58 1.51 7.06
N ASN A 122 -16.28 2.10 8.23
CA ASN A 122 -17.06 1.96 9.47
C ASN A 122 -16.93 0.48 9.88
N PRO A 123 -15.85 0.14 10.64
CA PRO A 123 -15.04 1.01 11.46
C PRO A 123 -14.00 1.86 10.77
N TYR A 124 -13.43 1.36 9.68
CA TYR A 124 -12.32 2.10 9.08
C TYR A 124 -12.76 3.50 8.63
N ILE A 125 -11.85 4.45 8.84
CA ILE A 125 -12.06 5.84 8.47
C ILE A 125 -11.39 6.07 7.11
N LYS A 126 -12.18 6.49 6.12
CA LYS A 126 -11.66 6.70 4.79
C LYS A 126 -10.84 7.98 4.74
N VAL A 127 -9.58 7.86 4.32
CA VAL A 127 -8.69 9.01 4.23
C VAL A 127 -8.76 9.59 2.82
N ASP A 128 -8.59 8.75 1.80
CA ASP A 128 -8.56 9.23 0.39
C ASP A 128 -8.60 8.05 -0.53
N THR A 129 -9.32 8.21 -1.65
CA THR A 129 -9.14 7.32 -2.81
C THR A 129 -8.03 8.00 -3.62
N VAL A 130 -6.88 7.35 -3.64
CA VAL A 130 -5.64 7.90 -4.22
C VAL A 130 -5.56 7.62 -5.71
N ALA A 131 -5.38 8.69 -6.49
CA ALA A 131 -5.23 8.55 -7.93
C ALA A 131 -3.74 8.59 -8.29
N ALA A 132 -3.42 8.10 -9.48
CA ALA A 132 -2.08 8.04 -9.93
C ALA A 132 -1.88 9.03 -11.07
N GLU A 133 -1.06 10.05 -10.87
CA GLU A 133 -0.69 10.97 -11.97
C GLU A 133 0.20 10.27 -13.02
N HIS A 134 0.93 9.25 -12.58
CA HIS A 134 1.91 8.53 -13.42
C HIS A 134 1.53 7.09 -13.57
N LEU A 135 1.18 6.71 -14.79
CA LEU A 135 0.87 5.32 -15.10
C LEU A 135 2.07 4.64 -15.76
N THR A 136 2.35 3.43 -15.30
CA THR A 136 3.36 2.57 -15.90
C THR A 136 2.77 1.84 -17.09
N ARG A 137 3.55 1.83 -18.17
CA ARG A 137 3.13 1.25 -19.45
C ARG A 137 4.00 0.04 -19.79
N LYS A 138 3.44 -0.96 -20.46
CA LYS A 138 4.23 -2.11 -20.97
C LYS A 138 3.59 -2.61 -22.25
N ARG A 139 4.42 -2.76 -23.27
CA ARG A 139 4.01 -2.93 -24.69
C ARG A 139 4.56 -4.27 -25.03
N PRO A 140 3.86 -5.09 -25.89
CA PRO A 140 4.28 -6.51 -26.01
C PRO A 140 5.73 -6.65 -26.46
N GLY A 141 6.51 -7.49 -25.77
CA GLY A 141 7.97 -7.69 -26.05
C GLY A 141 9.02 -6.90 -25.27
N ALA A 142 8.54 -5.90 -24.52
CA ALA A 142 9.37 -4.80 -24.08
C ALA A 142 9.38 -4.58 -22.56
N GLU A 143 10.40 -3.90 -22.03
CA GLU A 143 10.42 -3.51 -20.63
C GLU A 143 9.35 -2.47 -20.34
N ALA A 144 8.77 -2.58 -19.16
CA ALA A 144 7.85 -1.56 -18.66
C ALA A 144 8.57 -0.22 -18.49
N THR A 145 7.82 0.89 -18.70
CA THR A 145 8.35 2.22 -18.53
C THR A 145 7.38 2.99 -17.67
N GLY A 146 7.87 3.84 -16.78
CA GLY A 146 6.97 4.50 -15.87
C GLY A 146 7.71 5.28 -14.80
N LYS A 147 6.94 6.09 -14.12
CA LYS A 147 7.42 6.81 -12.92
C LYS A 147 6.71 6.34 -11.69
N VAL A 148 7.39 6.51 -10.57
CA VAL A 148 6.79 6.23 -9.28
C VAL A 148 5.93 7.40 -8.83
N ASN A 149 4.79 7.10 -8.19
CA ASN A 149 3.89 8.09 -7.62
C ASN A 149 4.19 8.26 -6.11
N VAL A 150 3.95 9.45 -5.62
CA VAL A 150 4.02 9.71 -4.17
C VAL A 150 2.78 10.51 -3.75
N LYS A 151 2.19 10.10 -2.62
CA LYS A 151 1.08 10.79 -1.99
C LYS A 151 1.38 10.81 -0.48
N THR A 152 1.27 11.98 0.14
CA THR A 152 1.32 12.10 1.59
C THR A 152 -0.05 12.52 2.11
N LEU A 153 -0.56 11.73 3.05
CA LEU A 153 -1.83 11.92 3.70
C LEU A 153 -1.64 12.32 5.15
N ARG A 154 -2.54 13.16 5.66
CA ARG A 154 -2.51 13.57 7.05
C ARG A 154 -3.68 12.92 7.79
N LEU A 155 -3.35 12.20 8.85
CA LEU A 155 -4.31 11.40 9.65
C LEU A 155 -4.52 12.08 10.98
N GLY A 156 -5.78 12.11 11.47
CA GLY A 156 -6.08 12.63 12.78
C GLY A 156 -7.23 13.64 12.74
N PRO A 157 -7.49 14.28 13.88
CA PRO A 157 -6.74 14.15 15.13
C PRO A 157 -6.92 12.80 15.83
N LEU A 158 -5.82 12.31 16.38
CA LEU A 158 -5.74 10.99 16.98
C LEU A 158 -5.88 11.09 18.50
N SER A 159 -6.49 10.08 19.11
CA SER A 159 -6.68 10.07 20.57
C SER A 159 -6.48 8.73 21.29
N LYS A 160 -6.48 7.61 20.55
CA LYS A 160 -6.24 6.31 21.17
C LYS A 160 -4.76 5.93 21.14
N ALA A 161 -4.38 4.84 21.80
CA ALA A 161 -2.94 4.51 21.96
C ALA A 161 -2.19 4.24 20.67
N GLY A 162 -2.89 3.69 19.67
CA GLY A 162 -2.26 3.37 18.39
C GLY A 162 -3.30 3.22 17.30
N PHE A 163 -2.83 2.89 16.11
CA PHE A 163 -3.69 2.77 14.95
C PHE A 163 -3.15 1.78 13.90
N TYR A 164 -4.07 1.34 13.05
CA TYR A 164 -3.78 0.53 11.86
C TYR A 164 -4.03 1.36 10.62
N LEU A 165 -3.19 1.20 9.59
CA LEU A 165 -3.55 1.70 8.27
C LEU A 165 -4.02 0.52 7.45
N ALA A 166 -4.99 0.73 6.54
CA ALA A 166 -5.43 -0.34 5.67
C ALA A 166 -5.59 0.21 4.26
N PHE A 167 -5.34 -0.67 3.29
CA PHE A 167 -5.43 -0.36 1.88
C PHE A 167 -6.42 -1.29 1.23
N GLN A 168 -7.35 -0.75 0.45
CA GLN A 168 -8.32 -1.51 -0.32
C GLN A 168 -8.03 -1.32 -1.81
N ASP A 169 -7.83 -2.44 -2.48
CA ASP A 169 -7.78 -2.55 -3.92
C ASP A 169 -9.01 -3.21 -4.43
N GLN A 170 -9.49 -2.77 -5.58
CA GLN A 170 -10.60 -3.47 -6.27
C GLN A 170 -10.43 -3.24 -7.78
N GLY A 171 -9.74 -4.16 -8.44
CA GLY A 171 -9.55 -4.09 -9.89
C GLY A 171 -8.43 -3.19 -10.40
N ALA A 172 -7.47 -2.86 -9.53
CA ALA A 172 -6.29 -2.08 -9.93
C ALA A 172 -5.10 -3.00 -10.00
N CYS A 173 -3.98 -2.45 -10.48
CA CYS A 173 -2.77 -3.25 -10.70
C CYS A 173 -1.61 -2.39 -10.25
N MET A 174 -1.11 -2.64 -9.04
CA MET A 174 -0.21 -1.70 -8.38
C MET A 174 0.81 -2.37 -7.49
N ALA A 175 1.91 -1.66 -7.29
CA ALA A 175 2.93 -2.03 -6.31
C ALA A 175 3.04 -0.92 -5.26
N LEU A 176 2.81 -1.27 -3.99
CA LEU A 176 3.11 -0.35 -2.85
C LEU A 176 4.60 -0.57 -2.49
N LEU A 177 5.39 0.39 -2.87
CA LEU A 177 6.83 0.31 -2.77
C LEU A 177 7.34 0.73 -1.42
N SER A 178 6.66 1.66 -0.78
CA SER A 178 7.01 2.06 0.58
C SER A 178 5.92 2.85 1.28
N LEU A 179 5.89 2.71 2.61
CA LEU A 179 5.06 3.49 3.52
C LEU A 179 6.00 4.05 4.60
N HIS A 180 5.87 5.34 4.85
CA HIS A 180 6.60 5.99 5.96
C HIS A 180 5.62 6.86 6.74
N LEU A 181 5.39 6.46 7.98
CA LEU A 181 4.57 7.21 8.91
C LEU A 181 5.48 8.04 9.81
N PHE A 182 5.16 9.32 9.98
CA PHE A 182 5.95 10.20 10.83
C PHE A 182 5.07 11.29 11.41
N TYR A 183 5.57 11.95 12.44
CA TYR A 183 4.87 13.14 13.01
C TYR A 183 5.85 14.24 13.34
N LYS A 184 5.32 15.45 13.57
CA LYS A 184 6.14 16.62 13.96
C LYS A 184 6.22 16.68 15.48
N LYS A 185 7.44 16.62 16.01
CA LYS A 185 7.71 16.66 17.45
C LYS A 185 8.42 17.96 17.79
N ASN B 2 15.33 2.18 -12.50
CA ASN B 2 14.18 2.61 -11.69
C ASN B 2 13.28 1.33 -11.49
N TYR B 3 13.39 0.75 -10.32
CA TYR B 3 12.55 -0.37 -9.93
C TYR B 3 11.06 0.07 -9.88
N LEU B 4 10.22 -0.62 -10.63
CA LEU B 4 8.77 -0.33 -10.65
C LEU B 4 7.96 -1.48 -10.03
N PHE B 5 8.35 -2.73 -10.29
CA PHE B 5 7.68 -3.91 -9.78
C PHE B 5 8.57 -5.14 -9.96
N SER B 6 8.13 -6.25 -9.37
CA SER B 6 8.94 -7.45 -9.25
C SER B 6 8.84 -8.31 -10.48
N PRO B 7 9.94 -8.98 -10.86
CA PRO B 7 9.80 -9.94 -11.94
C PRO B 7 9.00 -11.19 -11.57
N ASN B 8 8.73 -11.38 -10.28
CA ASN B 8 8.10 -12.61 -9.74
C ASN B 8 6.74 -12.44 -9.12
N GLY B 9 6.10 -11.28 -9.31
CA GLY B 9 4.85 -10.97 -8.66
C GLY B 9 3.63 -10.98 -9.58
N PRO B 10 2.46 -10.56 -9.02
CA PRO B 10 1.19 -10.63 -9.77
C PRO B 10 1.14 -9.66 -10.93
N ILE B 11 1.94 -8.60 -10.85
CA ILE B 11 2.01 -7.65 -11.96
C ILE B 11 2.70 -8.30 -13.17
N ALA B 12 3.89 -8.85 -12.94
CA ALA B 12 4.59 -9.57 -14.01
C ALA B 12 3.73 -10.68 -14.61
N ARG B 13 2.94 -11.35 -13.78
CA ARG B 13 2.09 -12.44 -14.25
C ARG B 13 0.95 -11.97 -15.17
N ALA B 14 0.65 -10.67 -15.18
CA ALA B 14 -0.37 -10.15 -16.07
C ALA B 14 -0.01 -10.42 -17.54
N TRP B 15 1.28 -10.56 -17.85
CA TRP B 15 1.74 -10.74 -19.25
C TRP B 15 2.15 -12.18 -19.51
S SO4 C . 9.75 8.17 2.36
O1 SO4 C . 10.18 7.42 1.15
O2 SO4 C . 10.67 7.75 3.40
O3 SO4 C . 8.34 8.02 2.69
O4 SO4 C . 9.92 9.59 1.99
S SO4 D . 4.32 10.33 -17.01
O1 SO4 D . 3.24 10.31 -18.00
O2 SO4 D . 5.25 9.23 -17.30
O3 SO4 D . 3.68 10.08 -15.75
O4 SO4 D . 5.09 11.57 -17.10
#